data_1FBY
#
_entry.id   1FBY
#
_cell.length_a   66.325
_cell.length_b   86.358
_cell.length_c   90.527
_cell.angle_alpha   90.00
_cell.angle_beta   90.00
_cell.angle_gamma   90.00
#
_symmetry.space_group_name_H-M   'P 21 21 21'
#
loop_
_entity.id
_entity.type
_entity.pdbx_description
1 polymer 'RETINOIC ACID RECEPTOR RXR-ALPHA'
2 non-polymer '(9cis)-retinoic acid'
3 water water
#
_entity_poly.entity_id   1
_entity_poly.type   'polypeptide(L)'
_entity_poly.pdbx_seq_one_letter_code
;SSANEDMPVERILEAELAVEPKTETYVEANMGLNPSSPNDPVTNICQAADKQLFTLVEWAKRIPHFSELPLDDQVILLRA
GWNELLIASFSHRSIAVKDGILLATGLHVHRNSAHSAGVGAIFDRVLTELVSKMRDMQMDKTELGCLRAIVLFNPDSKGL
SNPAEVEALREKVYASLEAYCKHKYPEQPGRFAKLLLRLPALRSIGLKCLEHLFFFKLIGDTPIDTFLMEMLEAPHQMT
;
_entity_poly.pdbx_strand_id   A,B
#
# COMPACT_ATOMS: atom_id res chain seq x y z
N SER A 1 29.69 4.28 -8.67
CA SER A 1 28.28 4.40 -8.27
C SER A 1 27.50 5.64 -8.74
N SER A 2 27.87 6.80 -8.19
CA SER A 2 27.20 8.10 -8.43
C SER A 2 26.15 8.17 -7.32
N ALA A 3 26.25 9.20 -6.48
CA ALA A 3 25.33 9.36 -5.35
C ALA A 3 23.89 9.11 -5.74
N ASN A 4 23.44 9.86 -6.74
CA ASN A 4 22.08 9.79 -7.21
C ASN A 4 21.58 8.54 -7.89
N GLU A 5 22.47 7.61 -8.23
CA GLU A 5 22.02 6.39 -8.90
C GLU A 5 21.71 5.36 -7.86
N ASP A 6 22.42 5.46 -6.74
CA ASP A 6 22.23 4.57 -5.61
C ASP A 6 20.94 4.95 -4.87
N MET A 7 20.52 6.20 -5.03
CA MET A 7 19.30 6.71 -4.37
C MET A 7 18.82 7.91 -5.19
N PRO A 8 18.12 7.65 -6.31
CA PRO A 8 17.59 8.66 -7.23
C PRO A 8 16.54 9.58 -6.63
N VAL A 9 16.78 10.89 -6.71
CA VAL A 9 15.83 11.84 -6.17
C VAL A 9 14.56 11.98 -6.96
N GLU A 10 14.55 11.48 -8.19
CA GLU A 10 13.32 11.59 -8.96
C GLU A 10 12.40 10.49 -8.48
N ARG A 11 12.98 9.40 -8.01
CA ARG A 11 12.16 8.30 -7.46
C ARG A 11 11.53 8.73 -6.13
N ILE A 12 12.34 9.47 -5.35
CA ILE A 12 11.91 10.03 -4.08
C ILE A 12 10.86 11.12 -4.28
N LEU A 13 11.03 11.97 -5.31
CA LEU A 13 10.01 13.01 -5.56
C LEU A 13 8.73 12.28 -5.96
N GLU A 14 8.89 11.27 -6.81
CA GLU A 14 7.78 10.43 -7.26
C GLU A 14 7.00 9.86 -6.07
N ALA A 15 7.70 9.35 -5.08
CA ALA A 15 7.04 8.80 -3.89
C ALA A 15 6.15 9.84 -3.25
N GLU A 16 6.68 11.04 -3.06
CA GLU A 16 5.96 12.14 -2.44
C GLU A 16 4.70 12.60 -3.20
N LEU A 17 4.79 12.67 -4.53
CA LEU A 17 3.68 13.09 -5.38
C LEU A 17 2.56 12.05 -5.41
N ALA A 18 2.93 10.79 -5.26
CA ALA A 18 1.93 9.74 -5.29
C ALA A 18 1.00 9.82 -4.08
N VAL A 19 1.52 10.35 -2.99
CA VAL A 19 0.76 10.41 -1.74
C VAL A 19 0.17 11.77 -1.34
N GLU A 20 0.46 12.81 -2.12
CA GLU A 20 -0.07 14.13 -1.80
C GLU A 20 -1.54 14.11 -2.21
N PRO A 21 -2.43 14.56 -1.32
CA PRO A 21 -3.85 14.53 -1.71
C PRO A 21 -4.12 15.46 -2.89
N ASP A 40 -13.91 20.89 16.60
CA ASP A 40 -12.69 20.66 17.40
C ASP A 40 -11.44 20.47 16.51
N PRO A 41 -10.43 21.33 16.65
CA PRO A 41 -9.23 21.20 15.82
C PRO A 41 -8.53 19.86 16.00
N VAL A 42 -8.44 19.39 17.24
CA VAL A 42 -7.77 18.13 17.54
C VAL A 42 -8.41 16.96 16.79
N THR A 43 -9.72 16.81 16.90
CA THR A 43 -10.42 15.76 16.19
C THR A 43 -10.13 15.82 14.69
N ASN A 44 -10.05 17.02 14.15
CA ASN A 44 -9.79 17.11 12.74
C ASN A 44 -8.39 16.75 12.39
N ILE A 45 -7.44 17.19 13.20
CA ILE A 45 -6.04 16.89 12.97
C ILE A 45 -5.83 15.40 13.06
N CYS A 46 -6.42 14.77 14.06
CA CYS A 46 -6.28 13.32 14.22
C CYS A 46 -6.90 12.52 13.08
N GLN A 47 -8.01 12.98 12.53
CA GLN A 47 -8.62 12.29 11.41
C GLN A 47 -7.80 12.47 10.13
N ALA A 48 -7.14 13.62 10.00
CA ALA A 48 -6.28 13.81 8.84
C ALA A 48 -5.07 12.84 9.01
N ALA A 49 -4.60 12.71 10.25
CA ALA A 49 -3.44 11.85 10.59
C ALA A 49 -3.73 10.39 10.25
N ASP A 50 -4.89 9.91 10.66
CA ASP A 50 -5.29 8.53 10.35
C ASP A 50 -5.23 8.35 8.85
N LYS A 51 -5.84 9.27 8.13
CA LYS A 51 -5.86 9.18 6.67
C LYS A 51 -4.46 9.05 6.07
N GLN A 52 -3.52 9.88 6.49
CA GLN A 52 -2.17 9.82 5.95
C GLN A 52 -1.30 8.72 6.57
N LEU A 53 -1.65 8.24 7.76
CA LEU A 53 -0.87 7.16 8.37
C LEU A 53 -0.97 6.01 7.39
N PHE A 54 -2.17 5.76 6.89
CA PHE A 54 -2.33 4.65 5.97
C PHE A 54 -1.49 4.82 4.72
N THR A 55 -1.49 6.01 4.12
CA THR A 55 -0.76 6.24 2.89
C THR A 55 0.73 6.12 3.05
N LEU A 56 1.19 6.09 4.29
CA LEU A 56 2.61 5.98 4.58
C LEU A 56 3.11 4.64 4.04
N VAL A 57 2.22 3.64 4.01
CA VAL A 57 2.58 2.33 3.47
C VAL A 57 2.94 2.46 1.99
N GLU A 58 2.05 3.07 1.21
CA GLU A 58 2.32 3.29 -0.21
C GLU A 58 3.51 4.25 -0.43
N TRP A 59 3.69 5.22 0.46
CA TRP A 59 4.80 6.16 0.32
C TRP A 59 6.15 5.46 0.48
N ALA A 60 6.34 4.76 1.59
CA ALA A 60 7.62 4.10 1.84
C ALA A 60 7.92 3.00 0.82
N LYS A 61 6.89 2.33 0.34
CA LYS A 61 7.12 1.28 -0.67
C LYS A 61 7.74 1.88 -1.94
N ARG A 62 7.57 3.18 -2.17
CA ARG A 62 8.17 3.79 -3.36
C ARG A 62 9.55 4.39 -3.13
N ILE A 63 10.09 4.31 -1.92
CA ILE A 63 11.40 4.86 -1.68
C ILE A 63 12.38 3.78 -2.08
N PRO A 64 13.35 4.12 -2.94
CA PRO A 64 14.36 3.15 -3.39
C PRO A 64 14.91 2.26 -2.28
N HIS A 65 14.84 0.94 -2.50
CA HIS A 65 15.39 -0.08 -1.59
C HIS A 65 14.62 -0.42 -0.33
N PHE A 66 13.67 0.42 0.07
CA PHE A 66 12.93 0.17 1.29
C PHE A 66 12.23 -1.20 1.24
N SER A 67 11.73 -1.53 0.05
CA SER A 67 11.07 -2.82 -0.17
C SER A 67 11.99 -4.04 -0.07
N GLU A 68 13.28 -3.86 -0.37
CA GLU A 68 14.28 -4.93 -0.31
C GLU A 68 14.69 -5.29 1.12
N LEU A 69 14.09 -4.67 2.13
CA LEU A 69 14.44 -4.94 3.51
C LEU A 69 13.49 -5.98 4.08
N PRO A 70 13.91 -6.68 5.15
CA PRO A 70 13.02 -7.68 5.75
C PRO A 70 11.75 -6.99 6.25
N LEU A 71 10.60 -7.53 5.88
CA LEU A 71 9.31 -6.99 6.26
C LEU A 71 9.30 -6.47 7.69
N ASP A 72 9.88 -7.22 8.62
CA ASP A 72 9.92 -6.78 10.01
C ASP A 72 10.69 -5.47 10.17
N ASP A 73 11.66 -5.24 9.31
CA ASP A 73 12.42 -3.99 9.41
C ASP A 73 11.61 -2.84 8.84
N GLN A 74 10.91 -3.08 7.74
CA GLN A 74 10.11 -2.02 7.14
C GLN A 74 9.10 -1.56 8.16
N VAL A 75 8.47 -2.50 8.87
CA VAL A 75 7.48 -2.09 9.86
C VAL A 75 8.12 -1.35 11.01
N ILE A 76 9.29 -1.81 11.45
CA ILE A 76 9.96 -1.12 12.55
C ILE A 76 10.33 0.33 12.17
N LEU A 77 10.85 0.54 10.96
CA LEU A 77 11.20 1.90 10.55
C LEU A 77 10.01 2.83 10.59
N LEU A 78 8.85 2.36 10.13
CA LEU A 78 7.63 3.18 10.09
C LEU A 78 7.01 3.41 11.46
N ARG A 79 7.09 2.43 12.34
CA ARG A 79 6.53 2.61 13.66
C ARG A 79 7.36 3.67 14.37
N ALA A 80 8.66 3.70 14.05
CA ALA A 80 9.57 4.66 14.66
C ALA A 80 9.36 6.10 14.22
N GLY A 81 9.27 6.35 12.92
CA GLY A 81 9.16 7.72 12.48
C GLY A 81 7.85 8.19 11.90
N TRP A 82 6.80 7.38 11.99
CA TRP A 82 5.52 7.78 11.43
C TRP A 82 5.10 9.17 11.82
N ASN A 83 5.20 9.51 13.09
CA ASN A 83 4.76 10.84 13.49
C ASN A 83 5.62 11.97 12.89
N GLU A 84 6.94 11.85 12.95
CA GLU A 84 7.80 12.88 12.34
C GLU A 84 7.56 12.96 10.83
N LEU A 85 7.27 11.81 10.23
CA LEU A 85 7.02 11.74 8.80
C LEU A 85 5.77 12.51 8.35
N LEU A 86 4.69 12.40 9.11
CA LEU A 86 3.44 13.08 8.85
C LEU A 86 3.55 14.57 9.18
N ILE A 87 4.22 14.89 10.28
CA ILE A 87 4.39 16.29 10.62
C ILE A 87 5.19 17.01 9.53
N ALA A 88 6.21 16.37 9.00
CA ALA A 88 7.02 16.97 7.96
C ALA A 88 6.16 17.30 6.74
N SER A 89 5.32 16.33 6.35
CA SER A 89 4.41 16.48 5.20
C SER A 89 3.36 17.57 5.32
N PHE A 90 2.61 17.63 6.41
CA PHE A 90 1.60 18.66 6.49
C PHE A 90 2.20 20.04 6.77
N SER A 91 3.39 20.06 7.37
CA SER A 91 4.06 21.31 7.62
C SER A 91 4.39 21.97 6.27
N HIS A 92 5.02 21.22 5.39
CA HIS A 92 5.42 21.72 4.08
C HIS A 92 4.22 22.17 3.24
N ARG A 93 3.14 21.41 3.34
CA ARG A 93 1.91 21.71 2.61
C ARG A 93 1.35 23.06 3.00
N SER A 94 1.54 23.39 4.28
CA SER A 94 1.09 24.62 4.91
C SER A 94 1.85 25.91 4.60
N ILE A 95 2.96 25.78 3.89
CA ILE A 95 3.77 26.92 3.47
C ILE A 95 2.84 27.90 2.74
N ALA A 96 1.78 27.33 2.17
CA ALA A 96 0.77 28.04 1.38
C ALA A 96 -0.10 29.04 2.13
N VAL A 97 -0.29 28.82 3.43
CA VAL A 97 -1.08 29.75 4.20
C VAL A 97 -0.27 30.35 5.35
N LYS A 98 -0.88 31.27 6.11
CA LYS A 98 -0.22 31.93 7.24
C LYS A 98 -0.99 31.72 8.54
N ASP A 99 -0.27 31.43 9.61
CA ASP A 99 -0.88 31.20 10.92
C ASP A 99 -1.89 30.03 10.94
N GLY A 100 -1.64 29.04 10.10
CA GLY A 100 -2.54 27.89 10.04
C GLY A 100 -1.89 26.72 9.35
N ILE A 101 -2.58 25.59 9.31
CA ILE A 101 -2.08 24.39 8.64
C ILE A 101 -3.21 23.80 7.77
N LEU A 102 -2.82 23.17 6.69
CA LEU A 102 -3.78 22.60 5.76
C LEU A 102 -3.77 21.09 5.92
N LEU A 103 -4.89 20.53 6.40
CA LEU A 103 -5.00 19.08 6.60
C LEU A 103 -5.20 18.38 5.29
N ALA A 104 -4.88 17.08 5.27
CA ALA A 104 -5.01 16.24 4.08
C ALA A 104 -6.48 15.97 3.77
N THR A 105 -7.37 16.34 4.69
CA THR A 105 -8.78 16.16 4.46
C THR A 105 -9.35 17.40 3.78
N GLY A 106 -8.49 18.35 3.42
CA GLY A 106 -8.95 19.55 2.75
C GLY A 106 -9.43 20.67 3.66
N LEU A 107 -9.15 20.55 4.95
CA LEU A 107 -9.52 21.58 5.90
C LEU A 107 -8.33 22.42 6.30
N HIS A 108 -8.63 23.64 6.73
CA HIS A 108 -7.63 24.58 7.21
C HIS A 108 -7.86 24.74 8.72
N VAL A 109 -6.79 24.76 9.51
CA VAL A 109 -6.92 24.95 10.96
C VAL A 109 -6.07 26.16 11.35
N HIS A 110 -6.72 27.19 11.92
CA HIS A 110 -6.02 28.41 12.30
C HIS A 110 -5.49 28.27 13.71
N ARG A 111 -4.37 28.94 14.00
CA ARG A 111 -3.81 28.85 15.34
C ARG A 111 -4.76 29.31 16.43
N ASN A 112 -5.63 30.28 16.12
CA ASN A 112 -6.57 30.74 17.12
C ASN A 112 -7.40 29.59 17.69
N SER A 113 -7.88 28.71 16.81
CA SER A 113 -8.67 27.55 17.24
C SER A 113 -7.79 26.57 18.00
N ALA A 114 -6.52 26.52 17.64
CA ALA A 114 -5.55 25.64 18.29
C ALA A 114 -5.36 26.09 19.74
N HIS A 115 -5.25 27.40 19.95
CA HIS A 115 -5.08 27.92 21.31
C HIS A 115 -6.36 27.78 22.11
N SER A 116 -7.51 27.97 21.47
CA SER A 116 -8.78 27.84 22.19
C SER A 116 -8.92 26.43 22.71
N ALA A 117 -8.39 25.48 21.95
CA ALA A 117 -8.45 24.07 22.32
C ALA A 117 -7.39 23.70 23.36
N GLY A 118 -6.39 24.57 23.53
CA GLY A 118 -5.34 24.31 24.49
C GLY A 118 -4.11 23.60 23.95
N VAL A 119 -3.92 23.64 22.64
CA VAL A 119 -2.74 23.01 22.01
C VAL A 119 -2.01 24.07 21.20
N GLY A 120 -2.13 25.33 21.62
CA GLY A 120 -1.49 26.43 20.90
C GLY A 120 0.02 26.48 21.00
N ALA A 121 0.56 25.86 22.03
CA ALA A 121 2.00 25.86 22.23
C ALA A 121 2.74 25.04 21.19
N ILE A 122 2.36 23.77 21.02
CA ILE A 122 3.01 22.89 20.05
C ILE A 122 2.67 23.35 18.62
N PHE A 123 1.45 23.85 18.44
CA PHE A 123 0.98 24.33 17.16
C PHE A 123 1.88 25.46 16.69
N ASP A 124 2.16 26.39 17.58
CA ASP A 124 3.01 27.53 17.27
C ASP A 124 4.44 27.07 17.01
N ARG A 125 4.84 26.00 17.68
CA ARG A 125 6.17 25.47 17.51
C ARG A 125 6.27 24.93 16.06
N VAL A 126 5.20 24.27 15.60
CA VAL A 126 5.15 23.74 14.23
C VAL A 126 5.19 24.90 13.24
N LEU A 127 4.40 25.95 13.49
CA LEU A 127 4.39 27.10 12.59
C LEU A 127 5.73 27.83 12.51
N THR A 128 6.40 28.00 13.63
CA THR A 128 7.66 28.75 13.55
C THR A 128 8.93 27.98 13.25
N GLU A 129 9.04 26.78 13.80
CA GLU A 129 10.23 25.97 13.60
C GLU A 129 10.24 25.12 12.33
N LEU A 130 9.07 24.94 11.75
CA LEU A 130 8.94 24.13 10.54
C LEU A 130 8.36 24.86 9.35
N VAL A 131 7.08 25.20 9.46
CA VAL A 131 6.43 25.92 8.35
C VAL A 131 7.21 27.16 7.91
N SER A 132 7.53 28.05 8.86
CA SER A 132 8.26 29.28 8.54
C SER A 132 9.63 29.04 7.98
N LYS A 133 10.39 28.15 8.61
CA LYS A 133 11.73 27.90 8.10
C LYS A 133 11.73 27.34 6.66
N MET A 134 10.74 26.50 6.32
CA MET A 134 10.63 25.90 4.97
C MET A 134 10.14 26.92 3.95
N ARG A 135 9.15 27.69 4.37
CA ARG A 135 8.61 28.74 3.52
C ARG A 135 9.73 29.73 3.13
N ASP A 136 10.50 30.19 4.11
CA ASP A 136 11.60 31.14 3.87
C ASP A 136 12.77 30.63 3.05
N MET A 137 13.17 29.38 3.25
CA MET A 137 14.29 28.87 2.45
C MET A 137 13.78 28.20 1.18
N GLN A 138 12.46 28.26 0.98
CA GLN A 138 11.81 27.66 -0.17
C GLN A 138 12.12 26.20 -0.48
N MET A 139 11.98 25.37 0.55
CA MET A 139 12.22 23.96 0.39
C MET A 139 11.31 23.45 -0.70
N ASP A 140 11.86 22.67 -1.60
CA ASP A 140 11.05 22.12 -2.67
C ASP A 140 10.66 20.67 -2.32
N LYS A 141 9.62 20.14 -2.97
CA LYS A 141 9.14 18.80 -2.71
C LYS A 141 10.20 17.70 -2.72
N THR A 142 11.23 17.81 -3.56
CA THR A 142 12.27 16.76 -3.63
C THR A 142 13.09 16.74 -2.34
N GLU A 143 13.34 17.94 -1.83
CA GLU A 143 14.07 18.15 -0.60
C GLU A 143 13.29 17.65 0.60
N LEU A 144 12.00 17.95 0.63
CA LEU A 144 11.12 17.51 1.70
C LEU A 144 11.09 16.00 1.65
N GLY A 145 10.99 15.43 0.44
CA GLY A 145 10.98 13.98 0.31
C GLY A 145 12.26 13.31 0.79
N CYS A 146 13.40 13.96 0.59
CA CYS A 146 14.68 13.42 1.04
C CYS A 146 14.79 13.50 2.55
N LEU A 147 14.33 14.60 3.15
CA LEU A 147 14.39 14.71 4.59
C LEU A 147 13.50 13.61 5.17
N ARG A 148 12.36 13.35 4.54
CA ARG A 148 11.50 12.32 5.03
C ARG A 148 12.20 10.99 4.91
N ALA A 149 12.90 10.73 3.82
CA ALA A 149 13.60 9.46 3.69
C ALA A 149 14.73 9.31 4.72
N ILE A 150 15.35 10.41 5.13
CA ILE A 150 16.42 10.35 6.12
C ILE A 150 15.76 10.00 7.44
N VAL A 151 14.61 10.60 7.72
CA VAL A 151 13.86 10.31 8.94
C VAL A 151 13.45 8.83 8.93
N LEU A 152 13.08 8.29 7.79
CA LEU A 152 12.69 6.89 7.67
C LEU A 152 13.81 5.88 7.94
N PHE A 153 14.95 6.03 7.25
CA PHE A 153 16.06 5.10 7.43
C PHE A 153 16.81 5.41 8.74
N ASN A 154 16.20 5.10 9.86
CA ASN A 154 16.82 5.39 11.14
C ASN A 154 17.38 4.07 11.67
N PRO A 155 18.70 3.86 11.52
CA PRO A 155 19.45 2.67 11.94
C PRO A 155 19.46 2.39 13.45
N ASP A 156 19.06 3.36 14.27
CA ASP A 156 19.05 3.19 15.72
C ASP A 156 17.69 2.70 16.23
N SER A 157 16.76 2.39 15.34
CA SER A 157 15.43 1.94 15.75
C SER A 157 15.56 0.57 16.41
N LYS A 158 15.03 0.44 17.62
CA LYS A 158 15.12 -0.83 18.34
C LYS A 158 14.42 -1.97 17.67
N GLY A 159 15.16 -3.06 17.44
CA GLY A 159 14.60 -4.25 16.85
C GLY A 159 15.12 -4.59 15.48
N LEU A 160 15.67 -3.59 14.81
CA LEU A 160 16.23 -3.74 13.48
C LEU A 160 17.04 -5.03 13.40
N SER A 161 16.90 -5.76 12.29
CA SER A 161 17.63 -7.02 12.13
C SER A 161 19.02 -6.76 11.54
N ASN A 162 19.09 -5.79 10.63
CA ASN A 162 20.36 -5.43 10.01
C ASN A 162 20.45 -3.91 9.92
N PRO A 163 20.65 -3.25 11.07
CA PRO A 163 20.76 -1.80 11.17
C PRO A 163 21.86 -1.20 10.29
N ALA A 164 22.89 -1.99 9.99
CA ALA A 164 24.00 -1.54 9.16
C ALA A 164 23.54 -1.23 7.75
N GLU A 165 22.62 -2.03 7.23
CA GLU A 165 22.07 -1.80 5.89
C GLU A 165 21.22 -0.50 5.91
N VAL A 166 20.46 -0.30 7.00
CA VAL A 166 19.64 0.88 7.13
C VAL A 166 20.56 2.10 7.19
N GLU A 167 21.60 2.02 8.00
CA GLU A 167 22.53 3.14 8.08
C GLU A 167 23.08 3.45 6.70
N ALA A 168 23.43 2.40 5.94
CA ALA A 168 23.96 2.59 4.61
C ALA A 168 22.95 3.35 3.74
N LEU A 169 21.68 2.96 3.82
CA LEU A 169 20.67 3.64 3.03
C LEU A 169 20.52 5.12 3.40
N ARG A 170 20.60 5.42 4.70
CA ARG A 170 20.50 6.80 5.14
C ARG A 170 21.58 7.59 4.44
N GLU A 171 22.81 7.09 4.54
CA GLU A 171 23.97 7.72 3.94
C GLU A 171 23.76 8.02 2.46
N LYS A 172 23.09 7.11 1.77
CA LYS A 172 22.83 7.31 0.36
C LYS A 172 21.87 8.47 0.15
N VAL A 173 20.92 8.67 1.07
CA VAL A 173 20.00 9.77 0.87
C VAL A 173 20.75 11.05 1.12
N TYR A 174 21.63 11.05 2.11
CA TYR A 174 22.45 12.22 2.43
C TYR A 174 23.24 12.62 1.19
N ALA A 175 24.00 11.68 0.63
CA ALA A 175 24.81 11.92 -0.59
C ALA A 175 23.96 12.46 -1.71
N SER A 176 22.93 11.70 -2.05
CA SER A 176 22.05 12.07 -3.13
C SER A 176 21.40 13.45 -2.93
N LEU A 177 21.00 13.74 -1.69
CA LEU A 177 20.39 15.03 -1.38
C LEU A 177 21.39 16.18 -1.50
N GLU A 178 22.62 16.00 -0.99
CA GLU A 178 23.63 17.06 -1.09
C GLU A 178 23.95 17.30 -2.56
N ALA A 179 24.06 16.21 -3.31
CA ALA A 179 24.33 16.25 -4.73
C ALA A 179 23.25 17.04 -5.43
N TYR A 180 22.02 16.97 -4.94
CA TYR A 180 20.90 17.69 -5.55
C TYR A 180 20.93 19.18 -5.29
N CYS A 181 21.29 19.58 -4.07
CA CYS A 181 21.35 21.01 -3.71
C CYS A 181 22.44 21.75 -4.51
N LYS A 182 23.58 21.08 -4.67
CA LYS A 182 24.73 21.62 -5.42
C LYS A 182 24.44 21.78 -6.91
N HIS A 183 23.63 20.90 -7.45
CA HIS A 183 23.29 20.99 -8.85
C HIS A 183 22.15 21.97 -9.09
N LYS A 184 21.17 21.98 -8.20
CA LYS A 184 19.99 22.84 -8.37
C LYS A 184 20.12 24.25 -7.83
N TYR A 185 20.88 24.41 -6.74
CA TYR A 185 21.10 25.74 -6.17
C TYR A 185 22.63 25.89 -6.02
N PRO A 186 23.34 26.14 -7.14
CA PRO A 186 24.81 26.29 -7.11
C PRO A 186 25.30 27.54 -6.36
N GLU A 187 24.46 28.57 -6.28
CA GLU A 187 24.80 29.80 -5.55
C GLU A 187 24.33 29.85 -4.09
N GLN A 188 24.07 28.67 -3.52
CA GLN A 188 23.64 28.56 -2.13
C GLN A 188 24.40 27.40 -1.58
N PRO A 189 25.70 27.59 -1.32
CA PRO A 189 26.58 26.55 -0.79
C PRO A 189 26.13 25.94 0.55
N GLY A 190 25.41 26.71 1.35
CA GLY A 190 24.97 26.21 2.64
C GLY A 190 23.50 25.81 2.75
N ARG A 191 22.88 25.48 1.63
CA ARG A 191 21.49 25.08 1.63
C ARG A 191 21.32 23.69 2.22
N PHE A 192 22.25 22.80 1.89
CA PHE A 192 22.19 21.43 2.40
C PHE A 192 22.23 21.40 3.93
N ALA A 193 23.17 22.13 4.52
CA ALA A 193 23.29 22.17 5.97
C ALA A 193 22.06 22.82 6.59
N LYS A 194 21.49 23.81 5.90
CA LYS A 194 20.31 24.48 6.39
C LYS A 194 19.12 23.54 6.36
N LEU A 195 19.05 22.69 5.33
CA LEU A 195 17.95 21.73 5.23
C LEU A 195 18.01 20.81 6.44
N LEU A 196 19.18 20.24 6.70
CA LEU A 196 19.40 19.34 7.80
C LEU A 196 19.13 19.93 9.17
N LEU A 197 19.04 21.24 9.25
CA LEU A 197 18.78 21.90 10.52
C LEU A 197 17.33 21.71 10.95
N ARG A 198 16.49 21.33 10.00
CA ARG A 198 15.10 21.08 10.30
C ARG A 198 14.94 19.76 11.06
N LEU A 199 15.86 18.82 10.91
CA LEU A 199 15.74 17.55 11.59
C LEU A 199 15.60 17.62 13.10
N PRO A 200 16.49 18.37 13.77
CA PRO A 200 16.38 18.45 15.23
C PRO A 200 15.02 18.96 15.74
N ALA A 201 14.46 19.96 15.07
CA ALA A 201 13.16 20.54 15.43
C ALA A 201 12.03 19.54 15.23
N LEU A 202 12.10 18.82 14.13
CA LEU A 202 11.12 17.81 13.77
C LEU A 202 11.12 16.69 14.80
N ARG A 203 12.31 16.24 15.16
CA ARG A 203 12.48 15.20 16.15
C ARG A 203 11.83 15.65 17.45
N SER A 204 12.17 16.89 17.86
CA SER A 204 11.64 17.46 19.08
C SER A 204 10.14 17.72 19.05
N ILE A 205 9.65 18.32 17.97
CA ILE A 205 8.24 18.57 17.86
C ILE A 205 7.48 17.23 17.86
N GLY A 206 8.05 16.23 17.17
CA GLY A 206 7.45 14.91 17.09
C GLY A 206 7.31 14.18 18.42
N LEU A 207 8.29 14.30 19.30
CA LEU A 207 8.19 13.64 20.60
C LEU A 207 7.09 14.31 21.39
N LYS A 208 7.04 15.64 21.33
CA LYS A 208 6.00 16.37 22.05
C LYS A 208 4.57 16.03 21.60
N CYS A 209 4.38 15.71 20.34
CA CYS A 209 3.05 15.36 19.85
C CYS A 209 2.63 14.00 20.37
N LEU A 210 3.59 13.12 20.57
CA LEU A 210 3.24 11.81 21.10
C LEU A 210 2.75 12.01 22.52
N GLU A 211 3.34 12.97 23.22
CA GLU A 211 2.95 13.26 24.59
C GLU A 211 1.52 13.79 24.62
N HIS A 212 1.23 14.81 23.81
CA HIS A 212 -0.14 15.32 23.74
C HIS A 212 -1.12 14.19 23.44
N LEU A 213 -0.75 13.28 22.54
CA LEU A 213 -1.63 12.16 22.17
C LEU A 213 -1.92 11.26 23.36
N PHE A 214 -0.89 10.96 24.14
CA PHE A 214 -1.05 10.15 25.34
C PHE A 214 -1.95 10.93 26.31
N PHE A 215 -1.61 12.21 26.50
CA PHE A 215 -2.37 13.10 27.35
C PHE A 215 -3.88 13.10 27.06
N PHE A 216 -4.26 13.18 25.78
CA PHE A 216 -5.66 13.18 25.42
C PHE A 216 -6.33 11.94 25.95
N LYS A 217 -5.64 10.81 25.87
CA LYS A 217 -6.20 9.56 26.35
C LYS A 217 -6.20 9.60 27.88
N LEU A 218 -5.17 10.21 28.47
CA LEU A 218 -5.07 10.33 29.91
C LEU A 218 -6.27 11.07 30.53
N ILE A 219 -6.70 12.18 29.92
CA ILE A 219 -7.81 12.98 30.45
C ILE A 219 -9.19 12.57 29.96
N GLY A 220 -9.32 11.40 29.38
CA GLY A 220 -10.62 10.94 28.91
C GLY A 220 -11.10 11.53 27.60
N ASP A 221 -10.24 12.23 26.88
CA ASP A 221 -10.62 12.84 25.60
C ASP A 221 -10.04 12.05 24.41
N THR A 222 -9.72 10.78 24.65
CA THR A 222 -9.15 9.91 23.63
C THR A 222 -9.97 9.93 22.33
N PRO A 223 -9.33 10.27 21.19
CA PRO A 223 -10.00 10.33 19.88
C PRO A 223 -10.58 8.94 19.58
N ILE A 224 -11.90 8.88 19.41
CA ILE A 224 -12.57 7.62 19.15
C ILE A 224 -12.35 7.09 17.74
N ASP A 225 -12.01 5.81 17.69
CA ASP A 225 -11.74 5.12 16.46
C ASP A 225 -10.87 5.87 15.47
N THR A 226 -9.58 5.62 15.63
CA THR A 226 -8.52 6.15 14.81
C THR A 226 -7.45 5.11 15.06
N PHE A 227 -6.58 4.88 14.09
CA PHE A 227 -5.50 3.91 14.25
C PHE A 227 -4.35 4.63 14.94
N LEU A 228 -4.50 5.94 15.10
CA LEU A 228 -3.49 6.77 15.74
C LEU A 228 -3.12 6.23 17.09
N MET A 229 -4.14 5.97 17.89
CA MET A 229 -3.93 5.47 19.23
C MET A 229 -3.20 4.15 19.25
N GLU A 230 -3.45 3.31 18.24
CA GLU A 230 -2.76 2.02 18.14
C GLU A 230 -1.25 2.17 18.01
N MET A 231 -0.81 3.25 17.36
CA MET A 231 0.63 3.48 17.20
C MET A 231 1.32 3.84 18.49
N LEU A 232 0.55 4.24 19.52
CA LEU A 232 1.16 4.59 20.80
C LEU A 232 1.54 3.37 21.64
N GLU A 233 1.01 2.20 21.32
CA GLU A 233 1.37 0.99 22.07
C GLU A 233 2.88 0.75 21.92
N ALA A 234 3.48 0.17 22.95
CA ALA A 234 4.92 -0.14 22.93
C ALA A 234 5.15 -1.38 22.08
N PRO A 235 6.16 -1.35 21.19
CA PRO A 235 6.44 -2.53 20.34
C PRO A 235 6.39 -3.87 21.08
N ASP B 6 -5.75 -23.67 -29.09
CA ASP B 6 -7.02 -23.05 -29.57
C ASP B 6 -8.15 -23.26 -28.59
N MET B 7 -8.07 -24.29 -27.74
CA MET B 7 -9.15 -24.50 -26.78
C MET B 7 -8.96 -25.55 -25.67
N PRO B 8 -8.00 -25.31 -24.73
CA PRO B 8 -7.78 -26.26 -23.63
C PRO B 8 -8.79 -25.91 -22.51
N VAL B 9 -9.68 -24.98 -22.86
CA VAL B 9 -10.74 -24.46 -22.02
C VAL B 9 -11.43 -25.31 -20.93
N GLU B 10 -11.84 -26.54 -21.27
CA GLU B 10 -12.49 -27.37 -20.27
C GLU B 10 -11.49 -27.86 -19.23
N ARG B 11 -10.20 -27.82 -19.57
CA ARG B 11 -9.16 -28.16 -18.59
C ARG B 11 -9.06 -27.05 -17.54
N ILE B 12 -9.20 -25.81 -18.04
CA ILE B 12 -9.20 -24.62 -17.21
C ILE B 12 -10.45 -24.56 -16.31
N LEU B 13 -11.62 -24.90 -16.86
CA LEU B 13 -12.84 -24.91 -16.05
C LEU B 13 -12.65 -25.99 -15.00
N GLU B 14 -12.09 -27.12 -15.43
CA GLU B 14 -11.82 -28.26 -14.53
C GLU B 14 -10.97 -27.82 -13.35
N ALA B 15 -9.94 -27.03 -13.64
CA ALA B 15 -9.05 -26.54 -12.58
C ALA B 15 -9.85 -25.79 -11.53
N GLU B 16 -10.69 -24.88 -12.01
CA GLU B 16 -11.53 -24.05 -11.13
C GLU B 16 -12.52 -24.81 -10.26
N LEU B 17 -13.15 -25.84 -10.83
CA LEU B 17 -14.14 -26.64 -10.10
C LEU B 17 -13.49 -27.51 -9.05
N ALA B 18 -12.25 -27.93 -9.32
CA ALA B 18 -11.53 -28.78 -8.37
C ALA B 18 -11.17 -28.06 -7.08
N VAL B 19 -10.70 -26.84 -7.24
CA VAL B 19 -10.28 -26.02 -6.12
C VAL B 19 -11.44 -25.09 -5.81
N GLU B 20 -11.92 -25.14 -4.56
CA GLU B 20 -13.04 -24.33 -4.09
C GLU B 20 -14.02 -25.18 -3.29
N PRO B 21 -14.95 -24.52 -2.58
CA PRO B 21 -15.96 -25.22 -1.77
C PRO B 21 -16.93 -25.88 -2.76
N ASP B 40 -14.64 -11.04 14.17
CA ASP B 40 -14.00 -9.91 13.42
C ASP B 40 -13.89 -10.20 11.91
N PRO B 41 -14.46 -9.31 11.07
CA PRO B 41 -14.47 -9.38 9.60
C PRO B 41 -13.10 -9.59 8.92
N VAL B 42 -12.07 -8.84 9.32
CA VAL B 42 -10.73 -8.96 8.75
C VAL B 42 -10.15 -10.34 9.07
N THR B 43 -10.22 -10.72 10.35
CA THR B 43 -9.75 -12.03 10.78
C THR B 43 -10.40 -13.14 9.95
N ASN B 44 -11.68 -12.98 9.65
CA ASN B 44 -12.35 -14.01 8.88
C ASN B 44 -11.91 -14.04 7.47
N ILE B 45 -11.72 -12.86 6.88
CA ILE B 45 -11.27 -12.78 5.50
C ILE B 45 -9.87 -13.38 5.38
N CYS B 46 -9.00 -13.05 6.33
CA CYS B 46 -7.65 -13.57 6.29
C CYS B 46 -7.58 -15.09 6.45
N GLN B 47 -8.45 -15.65 7.29
CA GLN B 47 -8.46 -17.11 7.47
C GLN B 47 -9.01 -17.78 6.21
N ALA B 48 -9.95 -17.15 5.52
CA ALA B 48 -10.45 -17.75 4.30
C ALA B 48 -9.32 -17.70 3.27
N ALA B 49 -8.54 -16.62 3.30
CA ALA B 49 -7.42 -16.41 2.38
C ALA B 49 -6.34 -17.47 2.58
N ASP B 50 -5.98 -17.73 3.82
CA ASP B 50 -5.01 -18.76 4.12
C ASP B 50 -5.49 -20.07 3.50
N LYS B 51 -6.74 -20.42 3.79
CA LYS B 51 -7.32 -21.63 3.26
C LYS B 51 -7.19 -21.76 1.76
N GLN B 52 -7.52 -20.72 1.01
CA GLN B 52 -7.42 -20.82 -0.44
C GLN B 52 -6.01 -20.60 -0.97
N LEU B 53 -5.15 -19.94 -0.19
CA LEU B 53 -3.78 -19.71 -0.68
C LEU B 53 -3.22 -21.11 -0.88
N PHE B 54 -3.47 -22.00 0.07
CA PHE B 54 -2.96 -23.36 -0.09
C PHE B 54 -3.49 -24.07 -1.33
N THR B 55 -4.79 -24.00 -1.56
CA THR B 55 -5.38 -24.66 -2.74
C THR B 55 -4.87 -24.12 -4.07
N LEU B 56 -4.21 -22.96 -4.02
CA LEU B 56 -3.69 -22.35 -5.25
C LEU B 56 -2.66 -23.30 -5.90
N VAL B 57 -2.00 -24.10 -5.05
CA VAL B 57 -1.02 -25.07 -5.50
C VAL B 57 -1.70 -26.13 -6.38
N GLU B 58 -2.80 -26.69 -5.89
CA GLU B 58 -3.56 -27.68 -6.67
C GLU B 58 -4.25 -27.03 -7.88
N TRP B 59 -4.67 -25.76 -7.74
CA TRP B 59 -5.33 -25.08 -8.84
C TRP B 59 -4.39 -24.88 -10.01
N ALA B 60 -3.22 -24.26 -9.76
CA ALA B 60 -2.28 -23.99 -10.87
C ALA B 60 -1.73 -25.25 -11.49
N LYS B 61 -1.57 -26.29 -10.67
CA LYS B 61 -1.06 -27.56 -11.20
C LYS B 61 -2.00 -28.17 -12.24
N ARG B 62 -3.30 -27.87 -12.15
CA ARG B 62 -4.28 -28.39 -13.11
C ARG B 62 -4.46 -27.46 -14.29
N ILE B 63 -3.52 -26.53 -14.47
CA ILE B 63 -3.61 -25.60 -15.58
C ILE B 63 -2.67 -26.03 -16.69
N PRO B 64 -3.23 -26.28 -17.87
CA PRO B 64 -2.42 -26.70 -19.01
C PRO B 64 -1.05 -26.01 -19.05
N HIS B 65 0.02 -26.82 -19.15
CA HIS B 65 1.38 -26.32 -19.28
C HIS B 65 2.05 -25.67 -18.10
N PHE B 66 1.31 -25.42 -17.05
CA PHE B 66 1.92 -24.76 -15.92
C PHE B 66 2.92 -25.67 -15.24
N SER B 67 2.57 -26.96 -15.14
CA SER B 67 3.44 -27.94 -14.49
C SER B 67 4.74 -28.26 -15.27
N GLU B 68 4.75 -28.00 -16.56
CA GLU B 68 5.93 -28.25 -17.39
C GLU B 68 6.98 -27.13 -17.28
N LEU B 69 6.64 -26.03 -16.58
CA LEU B 69 7.53 -24.89 -16.38
C LEU B 69 8.45 -25.19 -15.20
N PRO B 70 9.71 -24.72 -15.24
CA PRO B 70 10.60 -24.98 -14.10
C PRO B 70 9.94 -24.67 -12.74
N LEU B 71 10.31 -25.46 -11.74
CA LEU B 71 9.72 -25.30 -10.43
C LEU B 71 9.89 -23.87 -9.93
N ASP B 72 11.07 -23.30 -10.09
CA ASP B 72 11.32 -21.94 -9.64
C ASP B 72 10.40 -20.94 -10.34
N ASP B 73 10.03 -21.21 -11.59
CA ASP B 73 9.14 -20.30 -12.30
C ASP B 73 7.69 -20.44 -11.82
N GLN B 74 7.27 -21.67 -11.54
CA GLN B 74 5.93 -21.88 -11.04
C GLN B 74 5.80 -21.13 -9.72
N VAL B 75 6.79 -21.21 -8.84
CA VAL B 75 6.67 -20.52 -7.59
C VAL B 75 6.65 -19.00 -7.79
N ILE B 76 7.50 -18.48 -8.68
CA ILE B 76 7.54 -17.07 -8.94
C ILE B 76 6.19 -16.57 -9.49
N LEU B 77 5.57 -17.30 -10.39
CA LEU B 77 4.28 -16.85 -10.92
C LEU B 77 3.23 -16.75 -9.83
N LEU B 78 3.19 -17.74 -8.93
CA LEU B 78 2.21 -17.71 -7.84
C LEU B 78 2.51 -16.65 -6.75
N ARG B 79 3.78 -16.40 -6.46
CA ARG B 79 4.08 -15.37 -5.47
C ARG B 79 3.65 -14.02 -6.04
N ALA B 80 3.73 -13.88 -7.36
CA ALA B 80 3.36 -12.63 -8.01
C ALA B 80 1.87 -12.34 -8.07
N GLY B 81 1.07 -13.33 -8.45
CA GLY B 81 -0.36 -13.08 -8.58
C GLY B 81 -1.29 -13.67 -7.57
N TRP B 82 -0.76 -14.29 -6.52
CA TRP B 82 -1.62 -14.94 -5.54
C TRP B 82 -2.76 -14.09 -5.02
N ASN B 83 -2.47 -12.84 -4.66
CA ASN B 83 -3.56 -12.01 -4.15
C ASN B 83 -4.62 -11.71 -5.21
N GLU B 84 -4.22 -11.33 -6.41
CA GLU B 84 -5.20 -11.05 -7.48
C GLU B 84 -6.01 -12.31 -7.81
N LEU B 85 -5.35 -13.45 -7.74
CA LEU B 85 -5.97 -14.73 -8.03
C LEU B 85 -7.08 -15.07 -7.03
N LEU B 86 -6.82 -14.84 -5.74
CA LEU B 86 -7.80 -15.11 -4.70
C LEU B 86 -8.94 -14.11 -4.73
N ILE B 87 -8.62 -12.85 -4.99
CA ILE B 87 -9.65 -11.80 -5.06
C ILE B 87 -10.58 -12.12 -6.24
N ALA B 88 -10.02 -12.54 -7.38
CA ALA B 88 -10.86 -12.88 -8.53
C ALA B 88 -11.87 -13.96 -8.16
N SER B 89 -11.38 -15.01 -7.51
CA SER B 89 -12.23 -16.13 -7.09
C SER B 89 -13.36 -15.81 -6.13
N PHE B 90 -13.08 -15.19 -4.98
CA PHE B 90 -14.16 -14.91 -4.05
C PHE B 90 -15.09 -13.82 -4.58
N SER B 91 -14.58 -12.96 -5.46
CA SER B 91 -15.43 -11.92 -6.03
C SER B 91 -16.54 -12.58 -6.84
N HIS B 92 -16.13 -13.46 -7.76
CA HIS B 92 -17.09 -14.19 -8.60
C HIS B 92 -18.07 -15.03 -7.80
N ARG B 93 -17.60 -15.67 -6.74
CA ARG B 93 -18.45 -16.47 -5.88
C ARG B 93 -19.55 -15.61 -5.25
N SER B 94 -19.22 -14.34 -4.99
CA SER B 94 -20.11 -13.38 -4.36
C SER B 94 -21.23 -12.76 -5.24
N ILE B 95 -21.16 -12.96 -6.56
CA ILE B 95 -22.16 -12.43 -7.48
C ILE B 95 -23.57 -12.81 -7.02
N ALA B 96 -23.65 -13.90 -6.26
CA ALA B 96 -24.92 -14.41 -5.75
C ALA B 96 -25.61 -13.52 -4.72
N VAL B 97 -24.84 -12.80 -3.90
CA VAL B 97 -25.43 -11.94 -2.89
C VAL B 97 -25.30 -10.46 -3.21
N LYS B 98 -25.68 -9.62 -2.26
CA LYS B 98 -25.60 -8.18 -2.47
C LYS B 98 -25.01 -7.48 -1.25
N ASP B 99 -24.08 -6.55 -1.53
CA ASP B 99 -23.41 -5.78 -0.50
C ASP B 99 -22.66 -6.67 0.48
N GLY B 100 -22.15 -7.79 -0.04
CA GLY B 100 -21.39 -8.69 0.81
C GLY B 100 -20.55 -9.64 -0.03
N ILE B 101 -19.73 -10.43 0.66
CA ILE B 101 -18.90 -11.41 -0.01
C ILE B 101 -19.02 -12.77 0.72
N LEU B 102 -18.87 -13.85 -0.03
CA LEU B 102 -18.98 -15.21 0.55
C LEU B 102 -17.60 -15.82 0.67
N LEU B 103 -17.15 -16.02 1.90
CA LEU B 103 -15.83 -16.59 2.13
C LEU B 103 -15.79 -18.09 1.84
N ALA B 104 -14.60 -18.61 1.58
CA ALA B 104 -14.42 -20.03 1.30
C ALA B 104 -14.63 -20.85 2.55
N THR B 105 -14.74 -20.19 3.70
CA THR B 105 -14.97 -20.90 4.93
C THR B 105 -16.48 -21.03 5.18
N GLY B 106 -17.28 -20.65 4.21
CA GLY B 106 -18.73 -20.72 4.36
C GLY B 106 -19.40 -19.56 5.08
N LEU B 107 -18.66 -18.48 5.30
CA LEU B 107 -19.18 -17.29 5.97
C LEU B 107 -19.50 -16.18 4.99
N HIS B 108 -20.44 -15.32 5.39
CA HIS B 108 -20.85 -14.18 4.60
C HIS B 108 -20.35 -12.95 5.37
N VAL B 109 -19.83 -11.95 4.66
CA VAL B 109 -19.36 -10.71 5.31
C VAL B 109 -20.08 -9.57 4.61
N HIS B 110 -20.85 -8.81 5.39
CA HIS B 110 -21.61 -7.70 4.83
C HIS B 110 -20.75 -6.44 4.88
N ARG B 111 -20.90 -5.58 3.87
CA ARG B 111 -20.14 -4.34 3.85
C ARG B 111 -20.36 -3.51 5.11
N ASN B 112 -21.48 -3.72 5.78
CA ASN B 112 -21.72 -3.02 7.01
C ASN B 112 -20.57 -3.37 7.93
N SER B 113 -20.21 -4.64 7.94
CA SER B 113 -19.11 -5.09 8.78
C SER B 113 -17.74 -4.61 8.29
N ALA B 114 -17.52 -4.62 6.97
CA ALA B 114 -16.25 -4.12 6.43
C ALA B 114 -16.01 -2.68 6.93
N HIS B 115 -17.02 -1.82 6.80
CA HIS B 115 -16.93 -0.43 7.23
C HIS B 115 -16.66 -0.24 8.70
N SER B 116 -17.40 -0.96 9.55
CA SER B 116 -17.18 -0.83 10.98
C SER B 116 -15.78 -1.24 11.38
N ALA B 117 -15.19 -2.17 10.62
CA ALA B 117 -13.85 -2.64 10.92
C ALA B 117 -12.74 -1.73 10.36
N GLY B 118 -13.09 -0.85 9.42
CA GLY B 118 -12.11 0.06 8.86
C GLY B 118 -11.70 -0.16 7.41
N VAL B 119 -12.23 -1.20 6.80
CA VAL B 119 -11.89 -1.51 5.43
C VAL B 119 -13.02 -1.31 4.44
N GLY B 120 -13.97 -0.47 4.77
CA GLY B 120 -15.08 -0.29 3.86
C GLY B 120 -14.70 0.19 2.47
N ALA B 121 -13.69 1.04 2.39
CA ALA B 121 -13.30 1.60 1.10
C ALA B 121 -12.88 0.59 0.05
N ILE B 122 -11.92 -0.26 0.39
CA ILE B 122 -11.45 -1.31 -0.55
C ILE B 122 -12.55 -2.36 -0.74
N PHE B 123 -13.32 -2.62 0.30
CA PHE B 123 -14.42 -3.58 0.24
C PHE B 123 -15.43 -3.13 -0.81
N ASP B 124 -15.80 -1.85 -0.76
CA ASP B 124 -16.76 -1.29 -1.71
C ASP B 124 -16.16 -1.27 -3.10
N ARG B 125 -14.84 -1.18 -3.18
CA ARG B 125 -14.18 -1.16 -4.48
C ARG B 125 -14.32 -2.58 -5.08
N VAL B 126 -14.20 -3.59 -4.23
CA VAL B 126 -14.36 -4.99 -4.68
C VAL B 126 -15.81 -5.21 -5.12
N LEU B 127 -16.76 -4.72 -4.32
CA LEU B 127 -18.17 -4.87 -4.68
C LEU B 127 -18.59 -4.20 -5.96
N THR B 128 -18.12 -2.98 -6.20
CA THR B 128 -18.53 -2.30 -7.42
C THR B 128 -17.72 -2.54 -8.68
N GLU B 129 -16.40 -2.67 -8.54
CA GLU B 129 -15.54 -2.86 -9.70
C GLU B 129 -15.36 -4.30 -10.15
N LEU B 130 -15.71 -5.24 -9.27
CA LEU B 130 -15.55 -6.64 -9.58
C LEU B 130 -16.86 -7.43 -9.48
N VAL B 131 -17.40 -7.55 -8.27
CA VAL B 131 -18.64 -8.30 -8.09
C VAL B 131 -19.76 -7.83 -9.01
N SER B 132 -20.03 -6.53 -9.01
CA SER B 132 -21.07 -5.96 -9.84
C SER B 132 -20.81 -6.11 -11.32
N LYS B 133 -19.60 -5.81 -11.77
CA LYS B 133 -19.35 -5.94 -13.19
C LYS B 133 -19.49 -7.38 -13.70
N MET B 134 -19.15 -8.36 -12.87
CA MET B 134 -19.24 -9.79 -13.23
C MET B 134 -20.70 -10.27 -13.20
N ARG B 135 -21.50 -9.71 -12.30
CA ARG B 135 -22.91 -10.06 -12.18
C ARG B 135 -23.71 -9.34 -13.26
N ASP B 136 -23.25 -8.15 -13.63
CA ASP B 136 -23.91 -7.33 -14.63
C ASP B 136 -23.44 -7.66 -16.04
N MET B 137 -23.13 -8.94 -16.28
CA MET B 137 -22.69 -9.40 -17.59
C MET B 137 -22.67 -10.92 -17.52
N GLN B 138 -23.12 -11.44 -16.38
CA GLN B 138 -23.17 -12.87 -16.13
C GLN B 138 -21.88 -13.57 -16.50
N MET B 139 -20.82 -13.35 -15.73
CA MET B 139 -19.54 -13.98 -16.02
C MET B 139 -19.69 -15.44 -15.66
N ASP B 140 -19.29 -16.30 -16.58
CA ASP B 140 -19.36 -17.74 -16.39
C ASP B 140 -18.01 -18.25 -15.91
N LYS B 141 -18.04 -19.28 -15.06
CA LYS B 141 -16.82 -19.86 -14.50
C LYS B 141 -15.68 -20.10 -15.49
N THR B 142 -16.00 -20.51 -16.71
CA THR B 142 -14.94 -20.75 -17.67
C THR B 142 -14.19 -19.45 -18.02
N GLU B 143 -14.87 -18.31 -17.95
CA GLU B 143 -14.20 -17.04 -18.23
C GLU B 143 -13.40 -16.60 -16.99
N LEU B 144 -14.00 -16.79 -15.82
CA LEU B 144 -13.32 -16.44 -14.59
C LEU B 144 -12.01 -17.25 -14.52
N GLY B 145 -12.09 -18.55 -14.87
CA GLY B 145 -10.91 -19.41 -14.86
C GLY B 145 -9.86 -18.91 -15.83
N CYS B 146 -10.29 -18.39 -16.98
CA CYS B 146 -9.35 -17.90 -17.99
C CYS B 146 -8.69 -16.61 -17.58
N LEU B 147 -9.44 -15.71 -16.95
CA LEU B 147 -8.87 -14.45 -16.50
C LEU B 147 -7.83 -14.82 -15.44
N ARG B 148 -8.19 -15.74 -14.54
CA ARG B 148 -7.23 -16.15 -13.54
C ARG B 148 -5.96 -16.69 -14.18
N ALA B 149 -6.08 -17.49 -15.24
CA ALA B 149 -4.90 -18.02 -15.91
C ALA B 149 -4.09 -16.93 -16.58
N ILE B 150 -4.75 -15.86 -17.04
CA ILE B 150 -4.02 -14.74 -17.68
C ILE B 150 -3.24 -14.01 -16.57
N VAL B 151 -3.89 -13.82 -15.44
CA VAL B 151 -3.28 -13.18 -14.29
C VAL B 151 -2.07 -14.02 -13.89
N LEU B 152 -2.26 -15.33 -13.84
CA LEU B 152 -1.20 -16.27 -13.47
C LEU B 152 0.02 -16.21 -14.38
N PHE B 153 -0.21 -16.16 -15.69
CA PHE B 153 0.88 -16.14 -16.65
C PHE B 153 1.40 -14.75 -16.96
N ASN B 154 1.92 -14.09 -15.94
CA ASN B 154 2.46 -12.75 -16.09
C ASN B 154 3.96 -12.83 -16.35
N PRO B 155 4.35 -12.71 -17.61
CA PRO B 155 5.75 -12.78 -18.06
C PRO B 155 6.66 -11.64 -17.58
N ASP B 156 6.10 -10.70 -16.82
CA ASP B 156 6.92 -9.60 -16.32
C ASP B 156 7.39 -9.81 -14.90
N SER B 157 7.01 -10.97 -14.33
CA SER B 157 7.40 -11.31 -12.98
C SER B 157 8.94 -11.38 -12.88
N LYS B 158 9.47 -10.74 -11.85
CA LYS B 158 10.90 -10.66 -11.60
C LYS B 158 11.55 -11.97 -11.16
N GLY B 159 12.57 -12.42 -11.90
CA GLY B 159 13.28 -13.63 -11.57
C GLY B 159 13.02 -14.82 -12.46
N LEU B 160 12.06 -14.66 -13.37
CA LEU B 160 11.64 -15.69 -14.31
C LEU B 160 12.76 -16.27 -15.18
N SER B 161 12.83 -17.61 -15.24
CA SER B 161 13.86 -18.29 -16.02
C SER B 161 13.59 -18.02 -17.50
N ASN B 162 12.39 -18.34 -17.96
CA ASN B 162 12.05 -18.08 -19.36
C ASN B 162 10.79 -17.23 -19.46
N PRO B 163 10.95 -15.89 -19.45
CA PRO B 163 9.81 -15.00 -19.54
C PRO B 163 9.10 -15.13 -20.89
N ALA B 164 9.84 -15.60 -21.89
CA ALA B 164 9.30 -15.77 -23.23
C ALA B 164 8.29 -16.91 -23.33
N GLU B 165 8.55 -18.01 -22.62
CA GLU B 165 7.65 -19.17 -22.62
C GLU B 165 6.36 -18.80 -21.87
N VAL B 166 6.53 -18.06 -20.77
CA VAL B 166 5.38 -17.61 -19.98
C VAL B 166 4.54 -16.66 -20.86
N GLU B 167 5.21 -15.73 -21.52
CA GLU B 167 4.46 -14.83 -22.40
C GLU B 167 3.67 -15.64 -23.42
N ALA B 168 4.31 -16.67 -23.99
CA ALA B 168 3.66 -17.51 -24.98
C ALA B 168 2.40 -18.14 -24.40
N LEU B 169 2.50 -18.65 -23.17
CA LEU B 169 1.35 -19.27 -22.54
C LEU B 169 0.20 -18.29 -22.31
N ARG B 170 0.53 -17.06 -21.92
CA ARG B 170 -0.51 -16.07 -21.70
C ARG B 170 -1.29 -15.92 -23.00
N GLU B 171 -0.54 -15.67 -24.08
CA GLU B 171 -1.12 -15.50 -25.42
C GLU B 171 -2.08 -16.63 -25.75
N LYS B 172 -1.73 -17.86 -25.34
CA LYS B 172 -2.58 -19.00 -25.61
C LYS B 172 -3.88 -18.94 -24.85
N VAL B 173 -3.86 -18.35 -23.65
CA VAL B 173 -5.10 -18.25 -22.88
C VAL B 173 -5.96 -17.19 -23.54
N TYR B 174 -5.31 -16.14 -24.03
CA TYR B 174 -6.02 -15.05 -24.71
C TYR B 174 -6.77 -15.63 -25.90
N ALA B 175 -6.03 -16.28 -26.79
CA ALA B 175 -6.61 -16.90 -27.99
C ALA B 175 -7.76 -17.82 -27.61
N SER B 176 -7.45 -18.82 -26.81
CA SER B 176 -8.45 -19.78 -26.38
C SER B 176 -9.69 -19.12 -25.74
N LEU B 177 -9.48 -18.07 -24.94
CA LEU B 177 -10.59 -17.39 -24.30
C LEU B 177 -11.44 -16.63 -25.32
N GLU B 178 -10.81 -15.89 -26.23
CA GLU B 178 -11.57 -15.15 -27.24
C GLU B 178 -12.38 -16.15 -28.06
N ALA B 179 -11.72 -17.25 -28.43
CA ALA B 179 -12.35 -18.32 -29.20
C ALA B 179 -13.57 -18.84 -28.48
N TYR B 180 -13.53 -18.84 -27.14
CA TYR B 180 -14.64 -19.35 -26.35
C TYR B 180 -15.83 -18.41 -26.34
N CYS B 181 -15.53 -17.12 -26.23
CA CYS B 181 -16.58 -16.12 -26.21
C CYS B 181 -17.36 -16.15 -27.53
N LYS B 182 -16.68 -16.52 -28.62
CA LYS B 182 -17.34 -16.59 -29.93
C LYS B 182 -18.33 -17.76 -29.95
N HIS B 183 -17.84 -18.96 -29.71
CA HIS B 183 -18.68 -20.16 -29.69
C HIS B 183 -19.92 -20.04 -28.79
N LYS B 184 -19.83 -19.21 -27.75
CA LYS B 184 -20.94 -19.02 -26.81
C LYS B 184 -21.73 -17.73 -27.01
N TYR B 185 -21.03 -16.60 -27.09
CA TYR B 185 -21.71 -15.31 -27.25
C TYR B 185 -21.31 -14.58 -28.53
N PRO B 186 -21.81 -15.05 -29.68
CA PRO B 186 -21.52 -14.44 -30.98
C PRO B 186 -22.31 -13.15 -31.23
N GLU B 187 -23.44 -13.01 -30.53
CA GLU B 187 -24.30 -11.83 -30.65
C GLU B 187 -23.81 -10.69 -29.75
N GLN B 188 -22.51 -10.69 -29.46
CA GLN B 188 -21.87 -9.67 -28.63
C GLN B 188 -20.43 -9.64 -29.12
N PRO B 189 -20.21 -9.12 -30.33
CA PRO B 189 -18.87 -9.03 -30.93
C PRO B 189 -17.88 -8.17 -30.14
N GLY B 190 -18.05 -8.13 -28.83
CA GLY B 190 -17.16 -7.35 -27.98
C GLY B 190 -16.83 -8.01 -26.64
N ARG B 191 -17.82 -8.70 -26.06
CA ARG B 191 -17.70 -9.38 -24.76
C ARG B 191 -16.28 -9.64 -24.27
N PHE B 192 -15.51 -10.34 -25.09
CA PHE B 192 -14.12 -10.65 -24.78
C PHE B 192 -13.39 -9.38 -24.26
N ALA B 193 -13.55 -8.26 -24.95
CA ALA B 193 -12.91 -7.00 -24.54
C ALA B 193 -13.46 -6.55 -23.19
N LYS B 194 -14.74 -6.81 -22.95
CA LYS B 194 -15.37 -6.44 -21.68
C LYS B 194 -14.81 -7.27 -20.55
N LEU B 195 -14.54 -8.54 -20.83
CA LEU B 195 -13.98 -9.43 -19.81
C LEU B 195 -12.62 -8.85 -19.41
N LEU B 196 -11.76 -8.61 -20.40
CA LEU B 196 -10.43 -8.07 -20.17
C LEU B 196 -10.40 -6.72 -19.45
N LEU B 197 -11.55 -6.08 -19.34
CA LEU B 197 -11.61 -4.78 -18.66
C LEU B 197 -11.54 -4.97 -17.16
N ARG B 198 -11.79 -6.19 -16.72
CA ARG B 198 -11.74 -6.47 -15.30
C ARG B 198 -10.29 -6.52 -14.80
N LEU B 199 -9.36 -6.81 -15.70
CA LEU B 199 -7.98 -6.93 -15.29
C LEU B 199 -7.39 -5.70 -14.62
N PRO B 200 -7.56 -4.52 -15.21
CA PRO B 200 -7.00 -3.31 -14.59
C PRO B 200 -7.48 -3.06 -13.15
N ALA B 201 -8.77 -3.31 -12.91
CA ALA B 201 -9.37 -3.11 -11.60
C ALA B 201 -8.80 -4.10 -10.58
N LEU B 202 -8.67 -5.35 -11.02
CA LEU B 202 -8.16 -6.44 -10.20
C LEU B 202 -6.73 -6.11 -9.80
N ARG B 203 -5.92 -5.72 -10.76
CA ARG B 203 -4.53 -5.35 -10.52
C ARG B 203 -4.47 -4.27 -9.48
N SER B 204 -5.29 -3.24 -9.67
CA SER B 204 -5.36 -2.11 -8.75
C SER B 204 -5.90 -2.46 -7.36
N ILE B 205 -7.01 -3.20 -7.32
CA ILE B 205 -7.58 -3.61 -6.06
C ILE B 205 -6.56 -4.51 -5.31
N GLY B 206 -5.90 -5.37 -6.07
CA GLY B 206 -4.91 -6.27 -5.49
C GLY B 206 -3.73 -5.57 -4.82
N LEU B 207 -3.19 -4.51 -5.44
CA LEU B 207 -2.09 -3.78 -4.86
C LEU B 207 -2.53 -3.13 -3.56
N LYS B 208 -3.74 -2.58 -3.57
CA LYS B 208 -4.27 -1.94 -2.37
C LYS B 208 -4.46 -2.91 -1.19
N CYS B 209 -4.79 -4.17 -1.49
CA CYS B 209 -4.99 -5.15 -0.42
C CYS B 209 -3.68 -5.52 0.20
N LEU B 210 -2.61 -5.52 -0.60
CA LEU B 210 -1.31 -5.82 -0.02
C LEU B 210 -0.97 -4.71 0.98
N GLU B 211 -1.35 -3.48 0.66
CA GLU B 211 -1.08 -2.34 1.53
C GLU B 211 -1.82 -2.47 2.83
N HIS B 212 -3.12 -2.75 2.76
CA HIS B 212 -3.89 -2.96 3.99
C HIS B 212 -3.24 -4.06 4.84
N LEU B 213 -2.77 -5.13 4.19
CA LEU B 213 -2.15 -6.25 4.92
C LEU B 213 -0.90 -5.81 5.66
N PHE B 214 -0.09 -4.97 5.01
CA PHE B 214 1.12 -4.46 5.63
C PHE B 214 0.66 -3.59 6.79
N PHE B 215 -0.27 -2.70 6.47
CA PHE B 215 -0.82 -1.79 7.46
C PHE B 215 -1.25 -2.48 8.76
N PHE B 216 -1.98 -3.59 8.63
CA PHE B 216 -2.43 -4.33 9.81
C PHE B 216 -1.24 -4.73 10.68
N LYS B 217 -0.16 -5.15 10.06
CA LYS B 217 1.03 -5.52 10.82
C LYS B 217 1.69 -4.25 11.36
N LEU B 218 1.59 -3.15 10.60
CA LEU B 218 2.16 -1.87 11.04
C LEU B 218 1.57 -1.41 12.36
N ILE B 219 0.25 -1.46 12.47
CA ILE B 219 -0.44 -0.98 13.67
C ILE B 219 -0.60 -2.01 14.80
N GLY B 220 0.08 -3.15 14.73
CA GLY B 220 -0.01 -4.15 15.78
C GLY B 220 -1.14 -5.18 15.78
N ASP B 221 -2.02 -5.15 14.79
CA ASP B 221 -3.14 -6.09 14.70
C ASP B 221 -2.81 -7.08 13.60
N THR B 222 -1.56 -7.52 13.60
CA THR B 222 -1.10 -8.45 12.61
C THR B 222 -1.74 -9.82 12.85
N PRO B 223 -2.13 -10.49 11.77
CA PRO B 223 -2.75 -11.81 11.93
C PRO B 223 -1.66 -12.90 11.97
N ILE B 224 -0.99 -13.00 13.13
CA ILE B 224 0.07 -13.99 13.35
C ILE B 224 -0.60 -15.33 13.64
N ASP B 225 -0.90 -16.07 12.57
CA ASP B 225 -1.59 -17.34 12.68
C ASP B 225 -1.97 -17.78 11.27
N THR B 226 -1.57 -16.98 10.29
CA THR B 226 -1.84 -17.27 8.89
C THR B 226 -0.50 -17.37 8.18
N PHE B 227 -0.53 -17.57 6.87
CA PHE B 227 0.69 -17.66 6.07
C PHE B 227 0.77 -16.48 5.13
N LEU B 228 -0.29 -15.68 5.13
CA LEU B 228 -0.40 -14.49 4.28
C LEU B 228 0.75 -13.51 4.43
N MET B 229 1.18 -13.29 5.65
CA MET B 229 2.24 -12.35 5.90
C MET B 229 3.60 -12.76 5.35
N GLU B 230 3.76 -14.06 5.10
CA GLU B 230 5.01 -14.54 4.52
C GLU B 230 5.01 -14.13 3.05
N MET B 231 3.84 -14.19 2.43
CA MET B 231 3.74 -13.81 1.03
C MET B 231 4.04 -12.32 0.78
N LEU B 232 4.20 -11.53 1.83
CA LEU B 232 4.47 -10.11 1.64
C LEU B 232 5.95 -9.85 1.56
N GLU B 233 6.75 -10.82 2.00
CA GLU B 233 8.19 -10.66 1.96
C GLU B 233 8.71 -10.40 0.54
N ALA B 234 9.76 -9.61 0.45
CA ALA B 234 10.39 -9.28 -0.84
C ALA B 234 10.97 -10.58 -1.42
N PRO B 235 10.84 -10.78 -2.75
CA PRO B 235 11.37 -12.00 -3.37
C PRO B 235 12.85 -12.30 -3.09
#